data_3Q7S
#
_entry.id   3Q7S
#
_cell.length_a   149.766
_cell.length_b   41.086
_cell.length_c   45.069
_cell.angle_alpha   90.000
_cell.angle_beta   106.100
_cell.angle_gamma   90.000
#
_symmetry.space_group_name_H-M   'C 1 2 1'
#
loop_
_entity.id
_entity.type
_entity.pdbx_description
1 polymer 'Transcriptional regulatory protein'
2 non-polymer '5-amino-2,4,6-triiodobenzene-1,3-dicarboxylic acid'
3 water water
#
_entity_poly.entity_id   1
_entity_poly.type   'polypeptide(L)'
_entity_poly.pdbx_seq_one_letter_code
;MHHHHHHRTAGPKHVLLVSEHWDLFFQTKELLNPEEYRCTIGQQYKQELSADLVVCEYSLLPREIRSPKSLEGSFVLVLL
DFFDEETSVDLLDRGFWYLIRPITPRILKSAISLFLSQHSL
;
_entity_poly.pdbx_strand_id   A,B
#
# COMPACT_ATOMS: atom_id res chain seq x y z
N GLY A 11 9.10 6.14 23.10
CA GLY A 11 9.48 7.10 22.05
C GLY A 11 8.55 7.03 20.82
N PRO A 12 8.24 8.17 20.20
CA PRO A 12 7.31 8.07 19.08
C PRO A 12 8.07 7.57 17.85
N LYS A 13 7.39 6.86 16.94
CA LYS A 13 7.87 6.58 15.59
C LYS A 13 8.10 7.90 14.87
N HIS A 14 9.18 7.99 14.07
CA HIS A 14 9.50 9.15 13.26
C HIS A 14 9.17 8.92 11.76
N VAL A 15 8.37 9.82 11.23
CA VAL A 15 7.89 9.76 9.89
C VAL A 15 8.45 11.00 9.18
N LEU A 16 9.19 10.79 8.08
CA LEU A 16 9.58 11.90 7.22
C LEU A 16 8.70 11.94 5.98
N LEU A 17 8.05 13.07 5.76
CA LEU A 17 7.29 13.29 4.57
C LEU A 17 8.21 14.04 3.61
N VAL A 18 8.48 13.47 2.43
CA VAL A 18 9.12 14.20 1.32
C VAL A 18 8.05 14.69 0.37
N SER A 19 7.74 15.98 0.48
CA SER A 19 6.63 16.55 -0.25
C SER A 19 6.74 18.06 -0.18
N GLU A 20 6.22 18.73 -1.21
CA GLU A 20 5.96 20.19 -1.14
C GLU A 20 4.52 20.54 -0.70
N HIS A 21 3.71 19.53 -0.36
CA HIS A 21 2.33 19.77 0.06
C HIS A 21 2.38 20.06 1.54
N TRP A 22 2.77 21.28 1.89
CA TRP A 22 2.89 21.70 3.29
C TRP A 22 1.55 21.55 4.04
N ASP A 23 0.41 21.85 3.38
CA ASP A 23 -0.92 21.80 4.03
C ASP A 23 -1.30 20.35 4.35
N LEU A 24 -1.03 19.44 3.43
CA LEU A 24 -1.16 18.01 3.71
C LEU A 24 -0.34 17.57 4.93
N PHE A 25 0.90 18.00 4.96
CA PHE A 25 1.77 17.77 6.08
C PHE A 25 1.17 18.23 7.45
N PHE A 26 0.80 19.51 7.55
CA PHE A 26 0.37 20.10 8.80
C PHE A 26 -0.91 19.48 9.29
N GLN A 27 -1.84 19.28 8.37
CA GLN A 27 -3.13 18.70 8.70
C GLN A 27 -3.07 17.20 9.06
N THR A 28 -2.12 16.51 8.45
CA THR A 28 -1.93 15.10 8.76
C THR A 28 -1.25 15.03 10.10
N LYS A 29 -0.22 15.84 10.31
CA LYS A 29 0.49 15.85 11.58
C LYS A 29 -0.46 16.04 12.81
N GLU A 30 -1.40 16.97 12.71
CA GLU A 30 -2.27 17.25 13.82
C GLU A 30 -3.29 16.12 14.01
N LEU A 31 -3.39 15.19 13.07
CA LEU A 31 -4.27 14.03 13.29
C LEU A 31 -3.52 12.87 13.89
N LEU A 32 -2.21 12.90 13.85
CA LEU A 32 -1.48 11.81 14.45
C LEU A 32 -1.13 12.18 15.85
N ASN A 33 -1.30 11.22 16.77
CA ASN A 33 -0.92 11.44 18.16
C ASN A 33 0.59 11.56 18.36
N PRO A 34 1.06 12.76 18.76
CA PRO A 34 2.49 13.05 19.00
C PRO A 34 3.21 12.08 19.88
N GLU A 35 2.53 11.36 20.77
CA GLU A 35 3.23 10.43 21.62
C GLU A 35 3.62 9.18 20.88
N GLU A 36 2.85 8.91 19.83
CA GLU A 36 3.05 7.75 18.99
C GLU A 36 3.88 8.09 17.72
N TYR A 37 3.70 9.30 17.17
CA TYR A 37 4.30 9.69 15.86
C TYR A 37 4.84 11.11 15.89
N ARG A 38 6.07 11.26 15.38
CA ARG A 38 6.73 12.53 15.18
C ARG A 38 6.97 12.67 13.68
N CYS A 39 6.50 13.77 13.11
CA CYS A 39 6.50 13.99 11.69
C CYS A 39 7.30 15.19 11.39
N THR A 40 8.12 15.07 10.34
CA THR A 40 8.92 16.18 9.84
C THR A 40 8.83 16.15 8.34
N ILE A 41 9.18 17.24 7.66
CA ILE A 41 8.92 17.35 6.22
C ILE A 41 10.20 17.74 5.50
N GLY A 42 10.44 17.23 4.30
CA GLY A 42 11.54 17.71 3.50
C GLY A 42 11.09 17.83 2.06
N GLN A 43 11.91 18.45 1.25
CA GLN A 43 11.50 18.77 -0.10
C GLN A 43 12.36 18.01 -1.11
N GLN A 44 13.22 17.15 -0.63
CA GLN A 44 14.00 16.35 -1.49
C GLN A 44 14.16 14.94 -0.89
N TYR A 45 14.19 13.94 -1.72
CA TYR A 45 14.26 12.57 -1.23
C TYR A 45 15.51 12.35 -0.36
N LYS A 46 15.28 11.77 0.83
CA LYS A 46 16.34 11.34 1.71
C LYS A 46 15.80 10.35 2.72
N GLN A 47 16.67 9.81 3.54
CA GLN A 47 16.25 9.17 4.77
C GLN A 47 16.95 9.89 5.90
N GLU A 48 16.47 9.71 7.13
CA GLU A 48 17.18 10.15 8.31
C GLU A 48 17.45 8.97 9.24
N LEU A 49 18.51 9.09 10.04
CA LEU A 49 18.90 8.08 10.96
C LEU A 49 17.75 7.63 11.82
N SER A 50 16.90 8.56 12.23
CA SER A 50 15.80 8.24 13.11
C SER A 50 14.54 7.83 12.34
N ALA A 51 14.52 8.02 11.00
CA ALA A 51 13.32 7.67 10.21
C ALA A 51 12.94 6.18 10.28
N ASP A 52 11.76 5.90 10.86
CA ASP A 52 11.06 4.64 10.70
C ASP A 52 10.39 4.54 9.36
N LEU A 53 9.73 5.63 8.95
CA LEU A 53 9.03 5.65 7.68
C LEU A 53 9.31 6.95 6.92
N VAL A 54 9.62 6.80 5.64
CA VAL A 54 9.64 7.93 4.74
C VAL A 54 8.42 7.86 3.79
N VAL A 55 7.62 8.91 3.74
CA VAL A 55 6.53 9.03 2.76
C VAL A 55 6.96 10.01 1.63
N CYS A 56 7.13 9.51 0.42
CA CYS A 56 7.74 10.33 -0.64
C CYS A 56 6.76 10.49 -1.79
N GLU A 57 6.51 11.72 -2.23
CA GLU A 57 5.85 12.03 -3.50
C GLU A 57 6.58 11.28 -4.64
N TYR A 58 5.83 10.63 -5.52
CA TYR A 58 6.42 9.99 -6.73
C TYR A 58 7.26 10.98 -7.53
N SER A 59 6.78 12.22 -7.58
CA SER A 59 7.46 13.23 -8.33
C SER A 59 8.79 13.59 -7.71
N LEU A 60 9.02 13.23 -6.45
CA LEU A 60 10.33 13.49 -5.79
C LEU A 60 11.15 12.21 -5.59
N LEU A 61 10.56 11.08 -5.95
CA LEU A 61 11.25 9.80 -5.78
C LEU A 61 12.15 9.50 -7.01
N PRO A 62 13.46 9.37 -6.82
CA PRO A 62 14.33 8.98 -7.95
C PRO A 62 13.94 7.69 -8.66
N ARG A 63 14.01 7.75 -9.98
CA ARG A 63 13.60 6.63 -10.78
C ARG A 63 14.41 5.38 -10.54
N GLU A 64 15.60 5.53 -10.04
CA GLU A 64 16.49 4.38 -10.04
C GLU A 64 16.56 3.63 -8.70
N ILE A 65 16.04 4.22 -7.62
CA ILE A 65 16.24 3.58 -6.32
C ILE A 65 15.28 2.40 -6.07
N ARG A 66 15.67 1.50 -5.15
CA ARG A 66 14.83 0.36 -4.79
C ARG A 66 14.62 0.31 -3.25
N SER A 67 13.61 -0.40 -2.81
CA SER A 67 13.46 -0.68 -1.41
C SER A 67 13.64 -2.22 -1.31
N PRO A 68 14.86 -2.66 -0.94
CA PRO A 68 15.24 -4.07 -1.20
C PRO A 68 14.62 -5.04 -0.21
N LYS A 69 14.62 -6.33 -0.58
CA LYS A 69 14.01 -7.38 0.26
C LYS A 69 14.62 -7.47 1.63
N SER A 70 15.96 -7.51 1.73
CA SER A 70 16.60 -7.59 3.04
C SER A 70 16.94 -6.26 3.65
N LEU A 71 15.91 -5.46 3.75
CA LEU A 71 16.06 -4.03 4.06
C LEU A 71 16.62 -3.75 5.45
N GLU A 72 17.65 -2.93 5.49
CA GLU A 72 18.15 -2.40 6.76
C GLU A 72 17.92 -0.91 6.93
N GLY A 73 17.38 -0.23 5.92
CA GLY A 73 17.08 1.19 6.04
C GLY A 73 15.62 1.44 6.41
N SER A 74 15.12 2.63 6.16
CA SER A 74 13.73 2.94 6.48
CA SER A 74 13.71 2.94 6.46
C SER A 74 12.80 2.37 5.39
N PHE A 75 11.57 2.06 5.77
CA PHE A 75 10.53 1.76 4.75
C PHE A 75 10.18 3.05 3.99
N VAL A 76 9.64 2.96 2.74
CA VAL A 76 9.24 4.12 2.02
C VAL A 76 7.88 3.79 1.46
N LEU A 77 6.93 4.68 1.66
CA LEU A 77 5.61 4.59 1.07
C LEU A 77 5.51 5.75 0.08
N VAL A 78 4.92 5.51 -1.07
CA VAL A 78 4.94 6.52 -2.14
C VAL A 78 3.54 7.04 -2.47
N LEU A 79 3.44 8.36 -2.68
CA LEU A 79 2.22 9.03 -3.06
C LEU A 79 2.29 9.41 -4.53
N LEU A 80 1.32 8.94 -5.30
CA LEU A 80 1.19 9.09 -6.74
C LEU A 80 0.03 10.05 -7.08
N ASP A 81 0.27 10.95 -8.03
CA ASP A 81 -0.75 11.84 -8.51
C ASP A 81 -1.75 11.11 -9.41
N PHE A 82 -1.44 9.93 -9.93
CA PHE A 82 -2.16 9.44 -11.12
C PHE A 82 -2.08 7.93 -11.21
N PHE A 83 -3.02 7.31 -11.95
CA PHE A 83 -2.97 5.90 -12.25
C PHE A 83 -2.25 5.72 -13.61
N ASP A 84 -1.23 4.86 -13.66
CA ASP A 84 -0.62 4.37 -14.90
C ASP A 84 -0.11 2.97 -14.59
N GLU A 85 -0.45 2.03 -15.48
CA GLU A 85 -0.18 0.62 -15.21
C GLU A 85 1.29 0.32 -15.01
N GLU A 86 2.17 0.70 -15.95
CA GLU A 86 3.59 0.40 -15.84
C GLU A 86 4.30 1.17 -14.72
N THR A 87 3.89 2.41 -14.49
CA THR A 87 4.30 3.14 -13.32
C THR A 87 4.05 2.32 -12.05
N SER A 88 2.85 1.80 -11.87
CA SER A 88 2.47 0.99 -10.70
C SER A 88 3.27 -0.31 -10.66
N VAL A 89 3.28 -1.06 -11.74
CA VAL A 89 4.05 -2.30 -11.83
C VAL A 89 5.47 -1.97 -11.40
N ASP A 90 6.01 -0.89 -11.91
CA ASP A 90 7.41 -0.53 -11.64
C ASP A 90 7.69 -0.18 -10.18
N LEU A 91 6.79 0.60 -9.51
CA LEU A 91 6.94 0.85 -8.10
C LEU A 91 6.88 -0.46 -7.32
N LEU A 92 5.90 -1.30 -7.61
CA LEU A 92 5.75 -2.52 -6.87
C LEU A 92 7.00 -3.41 -7.01
N ASP A 93 7.54 -3.57 -8.24
CA ASP A 93 8.71 -4.46 -8.46
C ASP A 93 9.95 -3.84 -7.82
N ARG A 94 10.02 -2.50 -7.68
CA ARG A 94 11.14 -1.86 -6.98
C ARG A 94 10.98 -1.91 -5.43
N GLY A 95 9.85 -2.42 -4.97
CA GLY A 95 9.60 -2.63 -3.55
C GLY A 95 8.86 -1.52 -2.79
N PHE A 96 8.22 -0.63 -3.52
CA PHE A 96 7.40 0.41 -2.91
C PHE A 96 5.93 0.13 -3.07
N TRP A 97 5.23 0.16 -1.95
CA TRP A 97 3.81 0.24 -1.93
C TRP A 97 3.49 1.74 -2.06
N TYR A 98 2.25 2.06 -2.46
CA TYR A 98 1.89 3.43 -2.74
C TYR A 98 0.40 3.70 -2.50
N LEU A 99 0.05 4.97 -2.42
CA LEU A 99 -1.33 5.38 -2.60
C LEU A 99 -1.43 6.32 -3.80
N ILE A 100 -2.53 6.20 -4.55
CA ILE A 100 -2.82 7.13 -5.58
C ILE A 100 -3.80 8.18 -5.11
N ARG A 101 -3.61 9.45 -5.56
CA ARG A 101 -4.50 10.55 -5.16
C ARG A 101 -5.92 10.30 -5.70
N PRO A 102 -6.98 10.80 -5.01
CA PRO A 102 -7.06 11.69 -3.85
C PRO A 102 -6.47 11.16 -2.55
N ILE A 103 -5.56 11.94 -1.98
CA ILE A 103 -4.98 11.65 -0.68
C ILE A 103 -5.28 12.79 0.30
N THR A 104 -6.19 12.52 1.23
CA THR A 104 -6.58 13.48 2.25
C THR A 104 -5.77 13.27 3.51
N PRO A 105 -5.69 14.32 4.34
CA PRO A 105 -5.03 14.15 5.65
C PRO A 105 -5.51 12.88 6.39
N ARG A 106 -6.82 12.61 6.45
CA ARG A 106 -7.35 11.40 7.10
C ARG A 106 -6.82 10.06 6.53
N ILE A 107 -6.83 9.94 5.20
CA ILE A 107 -6.24 8.80 4.54
C ILE A 107 -4.76 8.67 4.92
N LEU A 108 -4.03 9.76 4.83
CA LEU A 108 -2.61 9.64 5.08
C LEU A 108 -2.30 9.22 6.52
N LYS A 109 -2.98 9.84 7.47
CA LYS A 109 -2.88 9.45 8.87
C LYS A 109 -3.09 7.93 9.08
N SER A 110 -4.19 7.40 8.56
CA SER A 110 -4.50 6.02 8.80
C SER A 110 -3.50 5.12 8.06
N ALA A 111 -2.95 5.61 6.96
CA ALA A 111 -2.05 4.78 6.17
C ALA A 111 -0.73 4.73 6.92
N ILE A 112 -0.33 5.86 7.47
CA ILE A 112 0.91 5.89 8.27
C ILE A 112 0.83 4.96 9.49
N SER A 113 -0.27 5.05 10.23
CA SER A 113 -0.49 4.18 11.37
C SER A 113 -0.52 2.73 10.96
N LEU A 114 -1.16 2.43 9.83
CA LEU A 114 -1.30 1.04 9.44
C LEU A 114 0.06 0.49 9.07
N PHE A 115 0.80 1.29 8.34
CA PHE A 115 2.05 0.82 7.85
C PHE A 115 2.99 0.50 9.01
N LEU A 116 3.12 1.45 9.91
CA LEU A 116 4.04 1.28 11.01
C LEU A 116 3.60 0.21 11.98
N SER A 117 2.30 -0.04 12.13
CA SER A 117 1.85 -1.15 12.98
C SER A 117 2.15 -2.53 12.37
N GLN A 118 2.02 -2.66 11.07
CA GLN A 118 2.34 -3.92 10.42
C GLN A 118 3.83 -4.13 10.24
N HIS A 119 4.64 -3.14 10.58
CA HIS A 119 6.08 -3.26 10.40
C HIS A 119 6.83 -2.82 11.63
N PRO B 12 5.19 -23.52 -2.27
CA PRO B 12 4.69 -22.23 -2.76
C PRO B 12 3.80 -21.55 -1.73
N LYS B 13 3.75 -20.23 -1.77
CA LYS B 13 2.81 -19.47 -0.96
C LYS B 13 1.38 -19.69 -1.52
N HIS B 14 0.40 -19.80 -0.62
CA HIS B 14 -0.97 -19.90 -1.04
C HIS B 14 -1.62 -18.52 -1.01
N VAL B 15 -2.09 -18.13 -2.18
CA VAL B 15 -2.84 -16.89 -2.34
C VAL B 15 -4.29 -17.21 -2.73
N LEU B 16 -5.24 -16.77 -1.92
CA LEU B 16 -6.64 -16.89 -2.25
C LEU B 16 -7.20 -15.58 -2.78
N LEU B 17 -7.85 -15.64 -3.93
CA LEU B 17 -8.59 -14.52 -4.49
C LEU B 17 -10.10 -14.70 -4.29
N VAL B 18 -10.73 -13.78 -3.56
CA VAL B 18 -12.17 -13.80 -3.39
C VAL B 18 -12.80 -12.76 -4.33
N SER B 19 -13.24 -13.17 -5.53
CA SER B 19 -13.67 -12.22 -6.53
C SER B 19 -14.49 -12.90 -7.60
N GLU B 20 -15.34 -12.17 -8.34
CA GLU B 20 -16.09 -12.78 -9.45
C GLU B 20 -15.43 -12.44 -10.80
N HIS B 21 -14.22 -11.88 -10.71
CA HIS B 21 -13.53 -11.33 -11.84
C HIS B 21 -12.69 -12.49 -12.37
N TRP B 22 -13.30 -13.41 -13.12
CA TRP B 22 -12.65 -14.69 -13.48
C TRP B 22 -11.50 -14.42 -14.44
N ASP B 23 -11.63 -13.39 -15.27
CA ASP B 23 -10.60 -13.08 -16.23
C ASP B 23 -9.36 -12.63 -15.47
N LEU B 24 -9.59 -11.80 -14.48
CA LEU B 24 -8.52 -11.32 -13.65
C LEU B 24 -7.83 -12.50 -12.96
N PHE B 25 -8.62 -13.44 -12.45
CA PHE B 25 -8.06 -14.59 -11.71
C PHE B 25 -7.07 -15.40 -12.55
N PHE B 26 -7.52 -15.75 -13.74
CA PHE B 26 -6.79 -16.65 -14.57
C PHE B 26 -5.58 -15.96 -15.11
N GLN B 27 -5.76 -14.72 -15.55
CA GLN B 27 -4.63 -14.00 -16.14
C GLN B 27 -3.55 -13.66 -15.11
N THR B 28 -3.97 -13.44 -13.87
CA THR B 28 -3.03 -13.14 -12.81
C THR B 28 -2.23 -14.40 -12.50
N LYS B 29 -2.95 -15.52 -12.42
CA LYS B 29 -2.39 -16.78 -11.95
C LYS B 29 -1.37 -17.23 -12.94
N GLU B 30 -1.68 -16.96 -14.18
CA GLU B 30 -0.79 -17.26 -15.25
C GLU B 30 0.54 -16.50 -15.17
N LEU B 31 0.54 -15.35 -14.49
CA LEU B 31 1.78 -14.58 -14.39
C LEU B 31 2.66 -14.99 -13.21
N LEU B 32 2.08 -15.71 -12.25
CA LEU B 32 2.81 -16.09 -11.04
C LEU B 32 3.37 -17.49 -11.21
N ASN B 33 4.65 -17.68 -10.94
CA ASN B 33 5.31 -18.98 -11.11
C ASN B 33 4.78 -20.00 -10.07
N PRO B 34 4.18 -21.11 -10.53
CA PRO B 34 3.43 -22.02 -9.64
C PRO B 34 4.29 -22.73 -8.58
N GLU B 35 5.61 -22.66 -8.70
CA GLU B 35 6.51 -23.16 -7.67
C GLU B 35 6.52 -22.22 -6.46
N GLU B 36 6.45 -20.93 -6.75
CA GLU B 36 6.51 -19.92 -5.71
C GLU B 36 5.15 -19.58 -5.18
N TYR B 37 4.14 -19.53 -6.04
CA TYR B 37 2.79 -19.18 -5.62
C TYR B 37 1.76 -20.17 -6.16
N ARG B 38 0.81 -20.46 -5.29
CA ARG B 38 -0.33 -21.31 -5.59
C ARG B 38 -1.55 -20.47 -5.37
N CYS B 39 -2.27 -20.17 -6.44
CA CYS B 39 -3.38 -19.25 -6.38
C CYS B 39 -4.66 -20.00 -6.55
N THR B 40 -5.65 -19.71 -5.72
CA THR B 40 -6.95 -20.35 -5.87
C THR B 40 -8.02 -19.29 -5.74
N ILE B 41 -9.26 -19.65 -6.06
CA ILE B 41 -10.32 -18.66 -6.00
C ILE B 41 -11.40 -19.10 -5.03
N GLY B 42 -12.14 -18.16 -4.48
CA GLY B 42 -13.14 -18.43 -3.48
C GLY B 42 -14.29 -17.49 -3.75
N GLN B 43 -15.50 -17.94 -3.49
CA GLN B 43 -16.66 -17.13 -3.80
C GLN B 43 -17.00 -16.33 -2.56
N GLN B 44 -16.37 -16.64 -1.45
CA GLN B 44 -16.68 -15.86 -0.26
C GLN B 44 -15.55 -15.81 0.76
N TYR B 45 -15.68 -14.90 1.71
CA TYR B 45 -14.68 -14.72 2.74
C TYR B 45 -15.21 -15.36 4.02
N ALA B 51 -4.57 -19.42 3.99
CA ALA B 51 -3.89 -18.72 2.90
C ALA B 51 -2.80 -17.78 3.46
N ASP B 52 -1.68 -17.68 2.75
CA ASP B 52 -0.66 -16.70 3.09
C ASP B 52 -1.12 -15.26 2.78
N LEU B 53 -1.99 -15.16 1.80
CA LEU B 53 -2.47 -13.87 1.35
C LEU B 53 -3.87 -14.03 0.79
N VAL B 54 -4.76 -13.15 1.23
CA VAL B 54 -6.09 -13.05 0.69
C VAL B 54 -6.24 -11.73 -0.02
N VAL B 55 -6.77 -11.82 -1.23
CA VAL B 55 -7.11 -10.66 -1.99
C VAL B 55 -8.61 -10.73 -2.15
N CYS B 56 -9.27 -9.78 -1.53
CA CYS B 56 -10.69 -9.83 -1.46
C CYS B 56 -11.31 -8.59 -2.10
N GLU B 57 -12.30 -8.78 -2.96
CA GLU B 57 -13.12 -7.68 -3.45
C GLU B 57 -13.81 -7.03 -2.25
N TYR B 58 -13.82 -5.70 -2.22
CA TYR B 58 -14.61 -4.93 -1.24
C TYR B 58 -16.08 -5.43 -1.18
N SER B 59 -16.68 -5.67 -2.34
CA SER B 59 -18.08 -6.09 -2.44
C SER B 59 -18.31 -7.45 -1.82
N LEU B 60 -17.26 -8.22 -1.53
CA LEU B 60 -17.42 -9.47 -0.82
C LEU B 60 -16.68 -9.45 0.48
N LEU B 61 -16.16 -8.31 0.90
CA LEU B 61 -15.52 -8.26 2.22
C LEU B 61 -16.58 -8.00 3.31
N PRO B 62 -16.55 -8.80 4.40
CA PRO B 62 -17.58 -8.77 5.46
C PRO B 62 -18.08 -7.40 5.92
N ARG B 63 -17.23 -6.46 6.29
CA ARG B 63 -17.73 -5.12 6.69
C ARG B 63 -17.72 -4.82 8.17
N GLU B 64 -17.61 -5.83 9.01
CA GLU B 64 -17.36 -5.55 10.39
C GLU B 64 -16.22 -6.42 10.83
N ILE B 65 -15.43 -6.87 9.87
CA ILE B 65 -14.29 -7.67 10.22
C ILE B 65 -13.05 -6.78 10.22
N ARG B 66 -12.13 -7.06 11.11
CA ARG B 66 -10.83 -6.44 11.10
C ARG B 66 -9.83 -7.41 10.52
N SER B 67 -8.63 -6.93 10.26
CA SER B 67 -7.65 -7.78 9.61
C SER B 67 -6.90 -8.60 10.63
N PRO B 68 -6.63 -9.87 10.29
CA PRO B 68 -5.84 -10.77 11.16
C PRO B 68 -4.41 -10.28 11.35
N VAL B 76 -4.19 -9.63 3.87
CA VAL B 76 -5.37 -9.16 3.14
C VAL B 76 -5.24 -7.84 2.38
N LEU B 77 -5.60 -7.92 1.11
CA LEU B 77 -5.53 -6.78 0.24
C LEU B 77 -6.91 -6.72 -0.37
N VAL B 78 -7.48 -5.52 -0.45
CA VAL B 78 -8.87 -5.36 -0.81
C VAL B 78 -8.93 -4.62 -2.10
N LEU B 79 -9.80 -5.03 -2.99
CA LEU B 79 -9.82 -4.45 -4.31
C LEU B 79 -11.04 -3.58 -4.28
N LEU B 80 -10.89 -2.36 -4.78
CA LEU B 80 -11.97 -1.39 -4.78
C LEU B 80 -12.26 -1.03 -6.18
N ASP B 81 -13.54 -0.88 -6.47
CA ASP B 81 -13.99 -0.47 -7.78
C ASP B 81 -13.75 1.03 -7.95
N PHE B 82 -13.84 1.79 -6.86
CA PHE B 82 -13.63 3.23 -7.00
C PHE B 82 -13.23 3.92 -5.71
N PHE B 83 -12.93 5.20 -5.85
CA PHE B 83 -12.49 5.96 -4.71
C PHE B 83 -13.63 6.51 -3.86
N ASP B 84 -13.58 6.28 -2.56
CA ASP B 84 -14.45 6.93 -1.62
C ASP B 84 -13.68 7.21 -0.34
N GLU B 85 -13.58 8.47 0.03
CA GLU B 85 -12.73 8.80 1.15
C GLU B 85 -13.07 8.03 2.44
N GLU B 86 -14.35 7.89 2.73
CA GLU B 86 -14.82 7.21 3.93
C GLU B 86 -14.53 5.69 3.95
N THR B 87 -14.80 5.01 2.84
CA THR B 87 -14.39 3.61 2.65
C THR B 87 -12.91 3.39 2.90
N SER B 88 -12.08 4.22 2.26
CA SER B 88 -10.63 4.10 2.40
C SER B 88 -10.21 4.22 3.85
N VAL B 89 -10.67 5.28 4.50
CA VAL B 89 -10.30 5.53 5.91
C VAL B 89 -10.69 4.31 6.70
N ASP B 90 -11.84 3.75 6.38
CA ASP B 90 -12.41 2.70 7.18
C ASP B 90 -11.58 1.42 7.07
N LEU B 91 -11.15 1.11 5.85
CA LEU B 91 -10.37 -0.10 5.57
C LEU B 91 -9.00 -0.03 6.19
N LEU B 92 -8.36 1.10 6.02
CA LEU B 92 -7.07 1.27 6.65
C LEU B 92 -7.15 1.11 8.19
N ASP B 93 -8.16 1.71 8.81
CA ASP B 93 -8.29 1.59 10.27
C ASP B 93 -8.65 0.16 10.64
N ARG B 94 -9.47 -0.51 9.83
CA ARG B 94 -9.77 -1.92 10.07
C ARG B 94 -8.57 -2.81 9.79
N GLY B 95 -7.47 -2.24 9.30
CA GLY B 95 -6.26 -3.03 9.05
C GLY B 95 -5.99 -3.52 7.61
N PHE B 96 -6.72 -3.00 6.63
CA PHE B 96 -6.64 -3.49 5.24
C PHE B 96 -6.00 -2.48 4.25
N TRP B 97 -4.93 -2.88 3.57
CA TRP B 97 -4.51 -2.16 2.36
C TRP B 97 -5.41 -2.45 1.16
N TYR B 98 -5.43 -1.52 0.20
CA TYR B 98 -6.31 -1.68 -0.95
C TYR B 98 -5.68 -1.23 -2.27
N LEU B 99 -6.21 -1.74 -3.37
CA LEU B 99 -5.97 -1.17 -4.69
C LEU B 99 -7.30 -0.73 -5.17
N ILE B 100 -7.33 0.37 -5.92
CA ILE B 100 -8.54 0.84 -6.58
C ILE B 100 -8.41 0.58 -8.09
N ARG B 101 -9.51 0.27 -8.77
CA ARG B 101 -9.46 -0.12 -10.16
C ARG B 101 -9.12 1.18 -10.91
N PRO B 102 -8.48 1.07 -12.09
CA PRO B 102 -8.20 -0.20 -12.75
C PRO B 102 -7.12 -1.08 -12.10
N ILE B 103 -7.42 -2.37 -12.01
CA ILE B 103 -6.52 -3.37 -11.45
C ILE B 103 -6.29 -4.41 -12.57
N THR B 104 -5.08 -4.44 -13.14
CA THR B 104 -4.76 -5.34 -14.21
C THR B 104 -4.08 -6.61 -13.64
N PRO B 105 -4.02 -7.69 -14.44
CA PRO B 105 -3.28 -8.87 -13.97
C PRO B 105 -1.81 -8.58 -13.59
N ARG B 106 -1.11 -7.74 -14.38
CA ARG B 106 0.27 -7.39 -14.06
C ARG B 106 0.43 -6.59 -12.78
N ILE B 107 -0.50 -5.68 -12.54
CA ILE B 107 -0.52 -4.98 -11.26
C ILE B 107 -0.74 -5.97 -10.14
N LEU B 108 -1.84 -6.72 -10.17
CA LEU B 108 -2.11 -7.72 -9.12
C LEU B 108 -0.96 -8.70 -8.83
N LYS B 109 -0.32 -9.24 -9.87
CA LYS B 109 0.80 -10.19 -9.75
C LYS B 109 1.92 -9.50 -8.98
N SER B 110 2.17 -8.23 -9.27
CA SER B 110 3.26 -7.52 -8.61
C SER B 110 2.88 -7.18 -7.14
N ALA B 111 1.64 -6.85 -6.92
CA ALA B 111 1.18 -6.47 -5.56
C ALA B 111 1.34 -7.73 -4.68
N ILE B 112 0.80 -8.84 -5.17
CA ILE B 112 0.96 -10.16 -4.54
C ILE B 112 2.41 -10.51 -4.17
N SER B 113 3.32 -10.39 -5.14
CA SER B 113 4.70 -10.66 -4.88
C SER B 113 5.25 -9.71 -3.87
N LEU B 114 4.89 -8.45 -3.94
CA LEU B 114 5.38 -7.49 -2.97
C LEU B 114 4.90 -7.84 -1.53
N PHE B 115 3.62 -8.08 -1.38
CA PHE B 115 3.08 -8.37 -0.04
C PHE B 115 3.70 -9.62 0.56
N LEU B 116 3.97 -10.60 -0.26
CA LEU B 116 4.48 -11.88 0.23
C LEU B 116 5.99 -11.87 0.48
N SER B 117 6.71 -10.88 -0.02
CA SER B 117 8.17 -10.83 0.20
C SER B 117 8.55 -10.11 1.50
#